data_4CWE
#
_entry.id   4CWE
#
_cell.length_a   168.242
_cell.length_b   168.242
_cell.length_c   168.242
_cell.angle_alpha   90.00
_cell.angle_beta   90.00
_cell.angle_gamma   90.00
#
_symmetry.space_group_name_H-M   'I 21 3'
#
_entity_poly.entity_id   1
_entity_poly.type   'polypeptide(L)'
_entity_poly.pdbx_seq_one_letter_code
;MFFTTPQPELSFDAMTIVGNLNKTNAKKLSDFMSTEPQIRLWDILQTKFKAKALQEKVYIEYDKVKADSWDRRNMRVEFN
PNKLTHEEMLWLKQNIIDYMEDDGFTRLDLAFDFEDDLSDYYAMTDKAVKKTIFYGRNGKPETKYFGVRDSDRFIRIYNK
KQERKDNADVEVMSEHLWRVEIELKRDMVDYWNDCFNDLHILQPDWKTIERTSDRAMVFMLLNDEEEWGKLERRTKNKYK
KLIKEISLIDLTDLMKSTLKANEKQLQKQIDFWQREFRFWK
;
_entity_poly.pdbx_strand_id   A,C
#
# COMPACT_ATOMS: atom_id res chain seq x y z
N PRO A 6 7.70 11.45 28.30
CA PRO A 6 7.63 12.86 27.89
C PRO A 6 6.31 13.21 27.15
N GLN A 7 5.99 14.50 27.10
CA GLN A 7 4.85 14.96 26.28
C GLN A 7 5.19 14.99 24.80
N PRO A 8 4.34 14.39 23.94
CA PRO A 8 4.62 14.40 22.50
C PRO A 8 4.33 15.76 21.90
N GLU A 9 5.14 16.16 20.93
CA GLU A 9 4.89 17.38 20.20
C GLU A 9 3.66 17.16 19.32
N LEU A 10 2.77 18.15 19.27
CA LEU A 10 1.54 18.05 18.47
C LEU A 10 1.44 19.14 17.40
N SER A 11 1.09 18.74 16.19
CA SER A 11 0.82 19.75 15.18
C SER A 11 -0.06 19.23 14.07
N PHE A 12 -0.66 20.17 13.34
CA PHE A 12 -1.32 19.86 12.11
C PHE A 12 -0.22 19.63 11.10
N ASP A 13 -0.46 18.65 10.23
CA ASP A 13 0.55 18.04 9.41
C ASP A 13 0.14 18.07 7.93
N ALA A 14 -1.10 18.47 7.68
CA ALA A 14 -1.59 18.65 6.32
C ALA A 14 -2.91 19.39 6.38
N MET A 15 -3.15 20.22 5.40
CA MET A 15 -4.41 20.98 5.32
C MET A 15 -4.82 21.06 3.88
N THR A 16 -6.08 20.74 3.61
CA THR A 16 -6.67 20.92 2.30
C THR A 16 -7.75 21.95 2.48
N ILE A 17 -7.88 22.84 1.53
CA ILE A 17 -8.92 23.84 1.57
C ILE A 17 -9.63 23.91 0.24
N VAL A 18 -10.95 23.84 0.32
CA VAL A 18 -11.74 23.74 -0.89
C VAL A 18 -12.60 24.99 -0.98
N GLY A 19 -12.82 25.43 -2.22
CA GLY A 19 -13.64 26.62 -2.44
C GLY A 19 -14.21 26.75 -3.84
N ASN A 20 -14.83 27.90 -4.09
CA ASN A 20 -15.38 28.22 -5.39
C ASN A 20 -14.94 29.60 -5.83
N LEU A 21 -14.78 29.70 -7.13
CA LEU A 21 -14.09 30.81 -7.76
C LEU A 21 -14.93 31.40 -8.86
N ASN A 22 -15.05 32.73 -8.89
CA ASN A 22 -15.77 33.46 -9.97
C ASN A 22 -15.18 33.20 -11.35
N LYS A 23 -16.03 33.38 -12.35
CA LYS A 23 -15.57 33.48 -13.73
C LYS A 23 -14.50 34.58 -13.78
N THR A 24 -14.83 35.75 -13.27
CA THR A 24 -13.88 36.88 -13.24
C THR A 24 -12.54 36.47 -12.58
N ASN A 25 -12.65 35.89 -11.39
CA ASN A 25 -11.51 35.54 -10.56
C ASN A 25 -10.71 34.39 -11.07
N ALA A 26 -11.38 33.39 -11.63
CA ALA A 26 -10.70 32.32 -12.33
C ALA A 26 -9.65 32.92 -13.21
N LYS A 27 -10.07 33.76 -14.15
CA LYS A 27 -9.13 34.32 -15.11
C LYS A 27 -8.10 35.16 -14.39
N LYS A 28 -8.60 36.09 -13.58
CA LYS A 28 -7.76 37.02 -12.81
C LYS A 28 -6.60 36.27 -12.17
N LEU A 29 -6.95 35.24 -11.40
CA LEU A 29 -6.00 34.37 -10.79
C LEU A 29 -5.16 33.59 -11.79
N SER A 30 -5.79 33.03 -12.79
CA SER A 30 -5.03 32.34 -13.83
C SER A 30 -4.07 33.29 -14.49
N ASP A 31 -4.51 34.54 -14.64
CA ASP A 31 -3.71 35.57 -15.28
C ASP A 31 -2.52 35.89 -14.41
N PHE A 32 -2.84 36.22 -13.17
CA PHE A 32 -1.80 36.46 -12.18
C PHE A 32 -0.72 35.39 -12.21
N MET A 33 -1.12 34.14 -12.05
CA MET A 33 -0.15 33.06 -11.95
C MET A 33 0.79 32.92 -13.13
N SER A 34 0.30 33.17 -14.34
CA SER A 34 1.16 33.05 -15.52
C SER A 34 2.31 34.02 -15.45
N THR A 35 2.04 35.24 -14.98
CA THR A 35 3.09 36.26 -14.84
C THR A 35 4.21 35.87 -13.86
N GLU A 36 3.94 35.04 -12.84
CA GLU A 36 4.98 34.65 -11.89
C GLU A 36 5.74 33.38 -12.30
N PRO A 37 6.99 33.55 -12.80
CA PRO A 37 7.82 32.37 -13.09
C PRO A 37 8.06 31.42 -11.91
N GLN A 38 7.87 31.90 -10.68
CA GLN A 38 8.13 31.13 -9.46
C GLN A 38 6.98 30.19 -9.09
N ILE A 39 5.97 30.12 -9.97
CA ILE A 39 4.87 29.17 -9.85
C ILE A 39 4.81 28.38 -11.15
N ARG A 40 4.47 27.10 -11.02
CA ARG A 40 4.54 26.14 -12.12
C ARG A 40 3.13 25.77 -12.60
N LEU A 41 2.81 26.11 -13.84
CA LEU A 41 1.43 26.00 -14.40
C LEU A 41 1.30 24.88 -15.42
N TRP A 42 0.29 24.01 -15.29
CA TRP A 42 0.01 23.07 -16.38
C TRP A 42 -1.45 22.68 -16.51
N ASP A 43 -1.76 21.83 -17.48
CA ASP A 43 -3.13 21.37 -17.71
C ASP A 43 -4.10 22.52 -17.85
N ILE A 44 -3.75 23.53 -18.64
CA ILE A 44 -4.53 24.78 -18.74
C ILE A 44 -5.64 24.66 -19.79
N LEU A 45 -6.82 25.15 -19.42
CA LEU A 45 -7.91 25.50 -20.32
C LEU A 45 -8.52 26.74 -19.66
N GLN A 46 -9.69 27.17 -20.11
CA GLN A 46 -10.37 28.29 -19.43
C GLN A 46 -11.12 27.76 -18.21
N THR A 47 -11.45 26.47 -18.24
CA THR A 47 -12.17 25.82 -17.17
C THR A 47 -11.26 25.00 -16.23
N LYS A 48 -9.96 24.98 -16.55
CA LYS A 48 -9.02 24.10 -15.85
C LYS A 48 -7.70 24.81 -15.63
N PHE A 49 -7.07 24.51 -14.50
CA PHE A 49 -5.63 24.76 -14.32
C PHE A 49 -5.10 23.96 -13.12
N LYS A 50 -3.80 23.73 -13.14
CA LYS A 50 -3.10 23.08 -12.04
C LYS A 50 -1.80 23.84 -11.72
N ALA A 51 -1.39 23.82 -10.46
CA ALA A 51 -0.26 24.66 -10.07
C ALA A 51 0.39 24.19 -8.79
N LYS A 52 1.70 24.35 -8.77
CA LYS A 52 2.44 24.18 -7.54
C LYS A 52 3.20 25.46 -7.28
N ALA A 53 3.14 25.92 -6.04
CA ALA A 53 3.72 27.19 -5.69
C ALA A 53 4.52 27.05 -4.42
N LEU A 54 5.30 28.08 -4.15
CA LEU A 54 6.20 28.12 -3.01
C LEU A 54 7.09 26.93 -3.06
N GLN A 55 7.96 26.94 -4.05
CA GLN A 55 8.93 25.87 -4.21
C GLN A 55 8.25 24.53 -4.03
N GLU A 56 7.14 24.35 -4.74
CA GLU A 56 6.44 23.05 -4.81
C GLU A 56 5.84 22.57 -3.49
N LYS A 57 5.61 23.50 -2.58
CA LYS A 57 5.06 23.10 -1.28
C LYS A 57 3.53 23.18 -1.25
N VAL A 58 2.94 23.88 -2.22
CA VAL A 58 1.49 24.05 -2.30
C VAL A 58 0.99 23.53 -3.64
N TYR A 59 0.02 22.62 -3.59
CA TYR A 59 -0.72 22.19 -4.77
C TYR A 59 -2.00 22.99 -4.88
N ILE A 60 -2.31 23.41 -6.11
CA ILE A 60 -3.48 24.23 -6.42
C ILE A 60 -4.15 23.71 -7.70
N GLU A 61 -5.44 23.37 -7.62
CA GLU A 61 -6.15 22.82 -8.76
C GLU A 61 -7.53 23.40 -8.90
N TYR A 62 -7.79 23.89 -10.10
CA TYR A 62 -9.10 24.47 -10.46
C TYR A 62 -9.74 23.68 -11.60
N ASP A 63 -11.00 23.33 -11.44
CA ASP A 63 -11.74 22.68 -12.51
C ASP A 63 -13.23 22.91 -12.35
N LYS A 64 -13.81 23.65 -13.28
CA LYS A 64 -15.20 24.06 -13.20
C LYS A 64 -16.13 22.98 -13.70
N VAL A 65 -15.79 22.34 -14.82
CA VAL A 65 -16.62 21.35 -15.51
C VAL A 65 -16.87 20.08 -14.67
N LYS A 66 -15.87 19.71 -13.87
CA LYS A 66 -16.06 18.64 -12.87
C LYS A 66 -16.97 19.19 -11.80
N ALA A 67 -16.65 20.41 -11.36
CA ALA A 67 -17.43 21.08 -10.32
C ALA A 67 -18.91 21.22 -10.70
N ASP A 68 -19.20 21.64 -11.94
CA ASP A 68 -20.59 21.60 -12.44
C ASP A 68 -21.16 20.17 -12.60
N SER A 69 -20.39 19.25 -13.21
CA SER A 69 -20.81 17.84 -13.35
C SER A 69 -21.34 17.12 -12.09
N TRP A 70 -20.86 17.52 -10.90
CA TRP A 70 -21.13 16.77 -9.66
C TRP A 70 -21.72 17.51 -8.42
N ASP A 71 -22.08 18.79 -8.57
CA ASP A 71 -22.46 19.67 -7.41
C ASP A 71 -21.37 19.65 -6.29
N ARG A 72 -20.19 20.23 -6.57
CA ARG A 72 -19.06 20.30 -5.60
C ARG A 72 -18.31 21.63 -5.71
N ARG A 73 -17.35 21.87 -4.82
CA ARG A 73 -16.53 23.08 -4.92
C ARG A 73 -15.40 22.84 -5.92
N ASN A 74 -14.98 23.91 -6.59
CA ASN A 74 -14.21 23.80 -7.84
C ASN A 74 -12.72 24.12 -7.76
N MET A 75 -12.24 24.46 -6.57
CA MET A 75 -10.82 24.62 -6.39
C MET A 75 -10.35 24.02 -5.06
N ARG A 76 -9.28 23.22 -5.15
CA ARG A 76 -8.58 22.77 -3.94
C ARG A 76 -7.22 23.49 -3.80
N VAL A 77 -6.79 23.67 -2.56
CA VAL A 77 -5.42 24.07 -2.25
C VAL A 77 -4.88 23.12 -1.17
N GLU A 78 -3.73 22.51 -1.44
CA GLU A 78 -3.14 21.52 -0.50
C GLU A 78 -1.77 21.93 -0.06
N PHE A 79 -1.46 21.63 1.21
CA PHE A 79 -0.14 21.95 1.73
C PHE A 79 0.06 21.55 3.15
N ASN A 80 1.31 21.48 3.57
CA ASN A 80 1.63 21.18 4.95
C ASN A 80 2.04 22.47 5.66
N PRO A 81 1.28 22.91 6.68
CA PRO A 81 1.60 24.15 7.33
C PRO A 81 2.91 24.16 8.08
N ASN A 82 3.28 23.07 8.72
CA ASN A 82 4.62 22.97 9.32
C ASN A 82 5.78 23.32 8.39
N LYS A 83 5.58 23.28 7.08
CA LYS A 83 6.71 23.55 6.16
C LYS A 83 6.54 24.88 5.49
N LEU A 84 5.58 25.68 5.94
CA LEU A 84 5.44 27.04 5.42
C LEU A 84 5.80 28.09 6.47
N THR A 85 6.32 29.17 5.94
CA THR A 85 6.82 30.32 6.66
C THR A 85 5.63 31.25 6.90
N HIS A 86 5.58 31.94 8.04
CA HIS A 86 4.47 32.88 8.24
C HIS A 86 4.31 33.80 7.04
N GLU A 87 5.44 34.32 6.59
CA GLU A 87 5.50 35.16 5.40
C GLU A 87 4.70 34.50 4.29
N GLU A 88 5.12 33.27 3.98
CA GLU A 88 4.45 32.40 3.00
C GLU A 88 2.96 32.18 3.29
N MET A 89 2.60 31.86 4.52
CA MET A 89 1.18 31.66 4.84
C MET A 89 0.41 32.92 4.50
N LEU A 90 0.98 34.08 4.80
CA LEU A 90 0.27 35.31 4.51
C LEU A 90 0.17 35.52 3.03
N TRP A 91 1.23 35.19 2.30
CA TRP A 91 1.19 35.32 0.86
C TRP A 91 0.05 34.47 0.27
N LEU A 92 -0.04 33.23 0.70
CA LEU A 92 -0.99 32.29 0.17
C LEU A 92 -2.42 32.71 0.47
N LYS A 93 -2.67 33.31 1.64
CA LYS A 93 -4.03 33.72 2.03
C LYS A 93 -4.51 34.87 1.15
N GLN A 94 -3.65 35.89 1.09
CA GLN A 94 -3.93 37.11 0.34
C GLN A 94 -4.04 36.89 -1.18
N ASN A 95 -3.15 36.10 -1.75
CA ASN A 95 -3.09 35.87 -3.19
C ASN A 95 -3.88 34.68 -3.74
N ILE A 96 -4.48 33.86 -2.89
CA ILE A 96 -5.22 32.70 -3.31
C ILE A 96 -6.49 32.52 -2.51
N ILE A 97 -6.36 32.23 -1.21
CA ILE A 97 -7.53 31.86 -0.39
C ILE A 97 -8.61 32.92 -0.35
N ASP A 98 -8.24 34.16 -0.05
CA ASP A 98 -9.26 35.23 0.01
C ASP A 98 -10.19 35.25 -1.20
N TYR A 99 -9.63 35.00 -2.38
CA TYR A 99 -10.44 35.03 -3.60
C TYR A 99 -11.32 33.82 -3.80
N MET A 100 -11.30 32.88 -2.87
CA MET A 100 -12.24 31.78 -2.86
C MET A 100 -13.46 32.13 -2.03
N GLU A 101 -14.61 31.62 -2.42
CA GLU A 101 -15.82 31.73 -1.62
C GLU A 101 -16.33 30.32 -1.36
N ASP A 102 -17.25 30.19 -0.41
CA ASP A 102 -17.71 28.90 0.09
C ASP A 102 -16.58 28.08 0.72
N ASP A 103 -15.55 28.77 1.15
CA ASP A 103 -14.28 28.14 1.50
C ASP A 103 -14.33 27.46 2.86
N GLY A 104 -13.83 26.24 2.91
CA GLY A 104 -13.71 25.47 4.18
C GLY A 104 -12.68 24.37 4.05
N PHE A 105 -12.50 23.60 5.13
CA PHE A 105 -11.50 22.53 5.16
C PHE A 105 -12.05 21.19 4.73
N THR A 106 -11.36 20.58 3.76
CA THR A 106 -11.62 19.17 3.31
C THR A 106 -10.67 18.14 3.99
N ARG A 107 -9.52 18.58 4.45
CA ARG A 107 -8.58 17.68 5.10
C ARG A 107 -7.81 18.31 6.23
N LEU A 108 -7.45 17.50 7.21
CA LEU A 108 -6.77 18.03 8.37
C LEU A 108 -6.06 16.91 9.11
N ASP A 109 -4.74 16.97 9.28
CA ASP A 109 -4.01 15.85 9.86
C ASP A 109 -3.34 16.22 11.20
N LEU A 110 -3.54 15.38 12.19
CA LEU A 110 -2.96 15.57 13.52
C LEU A 110 -1.72 14.75 13.67
N ALA A 111 -0.60 15.39 13.98
CA ALA A 111 0.69 14.73 14.11
C ALA A 111 1.21 14.78 15.52
N PHE A 112 1.19 13.63 16.19
CA PHE A 112 1.76 13.49 17.53
C PHE A 112 3.12 12.80 17.40
N ASP A 113 4.21 13.56 17.59
CA ASP A 113 5.58 13.00 17.62
C ASP A 113 5.97 12.57 19.01
N PHE A 114 6.54 11.38 19.14
CA PHE A 114 7.03 10.85 20.42
C PHE A 114 8.48 10.51 20.32
N GLU A 115 9.23 10.77 21.40
CA GLU A 115 10.63 10.42 21.45
C GLU A 115 10.88 9.03 22.07
N ASP A 116 9.80 8.30 22.30
CA ASP A 116 9.86 6.90 22.69
C ASP A 116 9.92 5.98 21.44
N ASP A 117 10.06 4.67 21.63
CA ASP A 117 9.93 3.70 20.56
C ASP A 117 8.54 3.13 20.70
N LEU A 118 7.73 3.26 19.67
CA LEU A 118 6.39 2.75 19.80
C LEU A 118 6.27 1.39 19.17
N SER A 119 7.34 0.84 18.56
CA SER A 119 7.33 -0.53 18.01
C SER A 119 6.72 -1.42 19.03
N ASP A 120 7.05 -1.17 20.29
CA ASP A 120 6.72 -2.07 21.37
C ASP A 120 5.32 -1.85 21.97
N TYR A 121 4.63 -0.80 21.53
CA TYR A 121 3.20 -0.62 21.86
C TYR A 121 2.28 -1.36 20.87
N TYR A 122 1.09 -1.67 21.34
CA TYR A 122 0.13 -2.27 20.48
C TYR A 122 -0.88 -1.17 20.23
N ALA A 123 -1.15 -0.88 18.95
CA ALA A 123 -2.07 0.17 18.59
C ALA A 123 -3.35 -0.50 18.13
N MET A 124 -4.49 0.02 18.57
CA MET A 124 -5.75 -0.65 18.29
C MET A 124 -6.92 0.29 18.28
N THR A 125 -7.83 -0.06 17.40
CA THR A 125 -9.16 0.51 17.39
C THR A 125 -10.20 -0.45 17.94
N ASP A 126 -11.05 0.05 18.83
CA ASP A 126 -12.18 -0.71 19.33
C ASP A 126 -13.16 -1.00 18.21
N LYS A 127 -13.12 -0.22 17.12
CA LYS A 127 -14.05 -0.31 16.03
C LYS A 127 -13.65 -1.43 15.05
N ALA A 128 -14.61 -1.90 14.26
CA ALA A 128 -14.36 -2.98 13.30
C ALA A 128 -13.98 -2.43 11.93
N VAL A 129 -12.71 -2.26 11.66
CA VAL A 129 -12.23 -1.65 10.42
C VAL A 129 -11.05 -2.38 9.81
N LYS A 130 -10.62 -1.92 8.63
CA LYS A 130 -9.41 -2.47 7.94
C LYS A 130 -8.05 -2.08 8.55
N LYS A 131 -7.01 -2.85 8.24
CA LYS A 131 -5.65 -2.57 8.73
C LYS A 131 -4.57 -2.77 7.65
N THR A 132 -3.34 -2.29 7.91
CA THR A 132 -2.20 -2.61 7.07
C THR A 132 -0.97 -2.56 7.92
N ILE A 133 -0.13 -3.57 7.85
CA ILE A 133 1.07 -3.58 8.68
C ILE A 133 2.29 -3.90 7.85
N PHE A 134 3.31 -3.06 7.94
CA PHE A 134 4.54 -3.25 7.20
C PHE A 134 5.51 -3.76 8.23
N TYR A 135 6.09 -4.94 7.99
CA TYR A 135 7.07 -5.49 8.93
C TYR A 135 8.47 -5.31 8.37
N GLY A 136 9.42 -5.11 9.28
CA GLY A 136 10.87 -5.06 8.98
C GLY A 136 11.45 -6.44 8.80
N ARG A 137 12.72 -6.49 8.40
CA ARG A 137 13.40 -7.77 8.11
C ARG A 137 13.42 -8.61 9.39
N ASN A 138 13.56 -7.88 10.49
CA ASN A 138 13.49 -8.39 11.84
C ASN A 138 12.22 -9.19 12.21
N GLY A 139 11.15 -9.05 11.43
CA GLY A 139 9.84 -9.60 11.80
C GLY A 139 8.99 -8.63 12.65
N LYS A 140 9.59 -7.53 13.09
CA LYS A 140 8.90 -6.52 13.90
C LYS A 140 8.17 -5.49 13.01
N PRO A 141 7.18 -4.76 13.58
CA PRO A 141 6.44 -3.84 12.74
C PRO A 141 7.13 -2.49 12.67
N GLU A 142 7.13 -1.89 11.50
CA GLU A 142 7.67 -0.54 11.33
C GLU A 142 6.57 0.49 11.07
N THR A 143 5.56 0.12 10.29
CA THR A 143 4.52 1.08 9.92
C THR A 143 3.17 0.40 10.07
N LYS A 144 2.22 1.06 10.73
CA LYS A 144 0.90 0.51 10.86
C LYS A 144 -0.10 1.52 10.33
N TYR A 145 -1.11 1.01 9.64
CA TYR A 145 -2.24 1.81 9.19
C TYR A 145 -3.49 1.22 9.81
N PHE A 146 -4.39 2.05 10.34
CA PHE A 146 -5.71 1.61 10.74
C PHE A 146 -6.78 2.40 9.96
N GLY A 147 -7.69 1.66 9.32
CA GLY A 147 -8.72 2.26 8.45
C GLY A 147 -8.27 2.24 7.01
N VAL A 148 -8.99 2.97 6.15
CA VAL A 148 -8.60 3.15 4.73
C VAL A 148 -8.40 4.64 4.37
N ARG A 149 -7.41 4.94 3.54
CA ARG A 149 -7.08 6.34 3.27
C ARG A 149 -8.24 7.16 2.74
N ASP A 150 -9.02 6.61 1.82
CA ASP A 150 -10.20 7.34 1.33
C ASP A 150 -11.34 7.17 2.33
N SER A 151 -11.26 7.88 3.43
CA SER A 151 -12.34 7.88 4.40
C SER A 151 -12.27 9.05 5.37
N ASP A 152 -13.38 9.28 6.05
CA ASP A 152 -13.51 10.29 7.08
C ASP A 152 -12.30 10.26 8.03
N ARG A 153 -11.85 9.05 8.37
CA ARG A 153 -10.76 8.86 9.34
C ARG A 153 -9.80 7.69 9.05
N PHE A 154 -8.52 8.01 9.21
CA PHE A 154 -7.45 7.10 8.90
C PHE A 154 -6.33 7.42 9.88
N ILE A 155 -5.61 6.40 10.32
CA ILE A 155 -4.50 6.57 11.27
C ILE A 155 -3.24 5.84 10.89
N ARG A 156 -2.10 6.53 10.92
CA ARG A 156 -0.80 5.90 10.69
C ARG A 156 -0.07 5.95 11.98
N ILE A 157 0.64 4.88 12.31
CA ILE A 157 1.65 4.93 13.37
C ILE A 157 2.92 4.35 12.80
N TYR A 158 4.00 5.13 12.80
CA TYR A 158 5.19 4.71 12.12
C TYR A 158 6.47 5.35 12.63
N ASN A 159 7.59 4.73 12.27
CA ASN A 159 8.90 5.16 12.71
C ASN A 159 9.37 6.37 11.90
N LYS A 160 9.18 7.54 12.47
CA LYS A 160 9.54 8.81 11.82
C LYS A 160 11.04 8.91 11.61
N LYS A 161 11.81 8.41 12.56
CA LYS A 161 13.26 8.49 12.49
C LYS A 161 13.72 7.74 11.25
N GLN A 162 13.24 6.51 11.14
CA GLN A 162 13.58 5.64 10.02
C GLN A 162 13.09 6.23 8.72
N GLU A 163 11.88 6.76 8.73
CA GLU A 163 11.29 7.41 7.57
C GLU A 163 12.03 8.69 7.16
N ARG A 164 12.46 9.47 8.15
CA ARG A 164 13.27 10.67 7.87
C ARG A 164 14.65 10.30 7.34
N LYS A 165 15.26 9.27 7.93
CA LYS A 165 16.56 8.80 7.49
C LYS A 165 16.47 8.35 6.06
N ASP A 166 15.50 7.49 5.79
CA ASP A 166 15.22 6.97 4.44
C ASP A 166 14.96 8.10 3.44
N ASN A 167 14.33 9.18 3.88
CA ASN A 167 14.07 10.33 2.99
C ASN A 167 15.28 11.30 2.88
N ALA A 168 16.43 10.88 3.38
CA ALA A 168 17.65 11.72 3.45
C ALA A 168 17.42 13.06 4.12
N ASP A 169 16.62 13.08 5.19
CA ASP A 169 16.42 14.27 6.01
C ASP A 169 17.52 14.36 7.04
N VAL A 170 17.74 15.56 7.56
CA VAL A 170 18.74 15.83 8.63
C VAL A 170 18.45 14.89 9.81
N GLU A 171 19.48 14.22 10.33
CA GLU A 171 19.29 13.22 11.37
C GLU A 171 18.93 13.92 12.66
N VAL A 172 18.40 13.13 13.59
CA VAL A 172 17.68 13.64 14.74
C VAL A 172 18.41 13.31 16.03
N MET A 173 18.35 14.24 16.98
CA MET A 173 19.09 14.11 18.24
C MET A 173 18.59 12.95 19.07
N SER A 174 17.29 12.70 19.00
CA SER A 174 16.66 11.61 19.76
C SER A 174 17.02 10.24 19.22
N GLU A 175 17.07 9.24 20.12
CA GLU A 175 17.40 7.88 19.74
C GLU A 175 16.22 7.13 19.15
N HIS A 176 15.02 7.64 19.43
CA HIS A 176 13.78 7.09 18.88
C HIS A 176 12.85 8.23 18.49
N LEU A 177 12.15 8.06 17.38
CA LEU A 177 11.12 9.01 16.98
C LEU A 177 9.99 8.37 16.18
N TRP A 178 8.80 8.38 16.77
CA TRP A 178 7.64 7.76 16.16
C TRP A 178 6.50 8.75 16.08
N ARG A 179 5.78 8.73 14.96
CA ARG A 179 4.64 9.61 14.74
C ARG A 179 3.32 8.84 14.83
N VAL A 180 2.28 9.56 15.19
CA VAL A 180 0.95 9.04 15.15
C VAL A 180 0.10 10.06 14.41
N GLU A 181 -0.23 9.78 13.18
CA GLU A 181 -0.89 10.75 12.32
C GLU A 181 -2.35 10.40 12.28
N ILE A 182 -3.20 11.39 12.36
CA ILE A 182 -4.66 11.16 12.33
C ILE A 182 -5.30 11.94 11.22
N GLU A 183 -5.55 11.32 10.07
CA GLU A 183 -6.04 12.05 8.89
C GLU A 183 -7.56 12.17 8.94
N LEU A 184 -8.03 13.40 9.11
CA LEU A 184 -9.48 13.70 9.11
C LEU A 184 -9.90 14.34 7.80
N LYS A 185 -10.87 13.75 7.13
CA LYS A 185 -11.38 14.26 5.87
C LYS A 185 -12.87 14.62 6.01
N ARG A 186 -13.33 15.37 5.01
CA ARG A 186 -14.72 15.78 4.84
C ARG A 186 -15.28 16.36 6.14
N ASP A 187 -16.30 15.75 6.75
CA ASP A 187 -17.01 16.34 7.88
C ASP A 187 -16.27 16.10 9.18
N MET A 188 -15.47 15.06 9.24
CA MET A 188 -14.73 14.76 10.46
C MET A 188 -13.74 15.87 10.88
N VAL A 189 -13.40 16.77 9.95
CA VAL A 189 -12.39 17.78 10.27
C VAL A 189 -12.87 18.62 11.45
N ASP A 190 -14.17 18.88 11.51
CA ASP A 190 -14.73 19.67 12.59
C ASP A 190 -14.63 19.00 13.96
N TYR A 191 -14.32 17.69 14.05
CA TYR A 191 -14.14 17.03 15.36
C TYR A 191 -12.70 16.73 15.77
N TRP A 192 -11.77 17.46 15.18
CA TRP A 192 -10.39 17.16 15.46
C TRP A 192 -10.02 17.20 16.91
N ASN A 193 -10.71 18.01 17.71
CA ASN A 193 -10.36 18.15 19.13
C ASN A 193 -10.67 16.92 20.01
N ASP A 194 -11.45 15.97 19.47
CA ASP A 194 -11.47 14.61 20.04
C ASP A 194 -11.80 13.51 19.00
N CYS A 195 -10.77 13.15 18.26
CA CYS A 195 -10.85 12.23 17.14
C CYS A 195 -10.18 10.89 17.37
N PHE A 196 -9.58 10.68 18.53
CA PHE A 196 -8.95 9.41 18.83
C PHE A 196 -9.63 8.76 20.05
N ASN A 197 -10.96 8.83 20.07
CA ASN A 197 -11.69 8.25 21.17
C ASN A 197 -11.67 6.72 21.08
N ASP A 198 -11.94 6.22 19.90
CA ASP A 198 -11.87 4.82 19.67
C ASP A 198 -10.43 4.30 19.68
N LEU A 199 -9.47 5.17 19.50
CA LEU A 199 -8.09 4.74 19.34
C LEU A 199 -7.43 4.48 20.69
N HIS A 200 -6.67 3.39 20.78
CA HIS A 200 -5.79 3.20 21.93
C HIS A 200 -4.42 2.70 21.56
N ILE A 201 -3.40 3.18 22.25
CA ILE A 201 -2.01 2.68 22.14
C ILE A 201 -1.57 2.11 23.49
N LEU A 202 -1.38 0.82 23.53
CA LEU A 202 -1.30 0.08 24.77
C LEU A 202 -0.02 -0.74 24.87
N GLN A 203 0.24 -1.33 26.03
CA GLN A 203 1.14 -2.49 26.12
C GLN A 203 0.89 -3.10 27.52
N PRO A 204 0.27 -4.30 27.60
CA PRO A 204 -0.08 -4.96 28.86
C PRO A 204 0.86 -6.11 29.27
N ASP A 205 0.67 -6.58 30.52
CA ASP A 205 1.38 -7.75 31.04
C ASP A 205 0.37 -8.84 31.41
N TRP A 206 0.21 -9.75 30.47
CA TRP A 206 -0.79 -10.82 30.59
C TRP A 206 -0.53 -11.78 31.75
N LYS A 207 0.72 -12.02 32.13
CA LYS A 207 1.03 -12.88 33.27
C LYS A 207 0.20 -12.61 34.53
N THR A 208 0.12 -11.35 34.93
CA THR A 208 -0.57 -10.99 36.19
C THR A 208 -2.06 -11.39 36.26
N ILE A 209 -2.64 -11.72 35.12
CA ILE A 209 -3.96 -12.29 35.03
C ILE A 209 -4.09 -13.76 35.43
N GLU A 210 -5.25 -14.10 36.01
CA GLU A 210 -5.47 -15.46 36.50
C GLU A 210 -6.47 -16.42 35.78
N ARG A 211 -7.35 -15.96 34.87
CA ARG A 211 -8.16 -16.89 34.01
C ARG A 211 -7.29 -17.43 32.86
N THR A 212 -7.28 -18.75 32.67
CA THR A 212 -6.28 -19.36 31.81
C THR A 212 -6.61 -19.30 30.31
N SER A 213 -7.82 -19.70 29.92
CA SER A 213 -8.22 -19.66 28.52
C SER A 213 -8.19 -18.24 27.97
N ASP A 214 -8.59 -17.30 28.84
CA ASP A 214 -8.57 -15.90 28.46
C ASP A 214 -7.17 -15.50 28.02
N ARG A 215 -6.18 -15.72 28.89
CA ARG A 215 -4.82 -15.30 28.61
C ARG A 215 -4.31 -15.89 27.29
N ALA A 216 -4.62 -17.16 27.05
CA ALA A 216 -4.20 -17.76 25.79
C ALA A 216 -4.81 -16.99 24.65
N MET A 217 -6.14 -16.89 24.69
CA MET A 217 -6.88 -16.31 23.60
C MET A 217 -6.34 -14.92 23.21
N VAL A 218 -6.20 -14.06 24.20
CA VAL A 218 -5.58 -12.76 23.96
C VAL A 218 -4.18 -12.84 23.34
N PHE A 219 -3.28 -13.54 24.01
CA PHE A 219 -1.90 -13.74 23.54
C PHE A 219 -1.89 -14.11 22.07
N MET A 220 -2.82 -14.96 21.67
CA MET A 220 -2.90 -15.27 20.25
C MET A 220 -3.33 -14.04 19.45
N LEU A 221 -4.36 -13.35 19.91
CA LEU A 221 -4.87 -12.19 19.18
C LEU A 221 -3.80 -11.15 19.03
N LEU A 222 -3.00 -10.99 20.06
CA LEU A 222 -1.97 -9.99 19.97
C LEU A 222 -0.74 -10.41 19.16
N ASN A 223 -0.64 -11.68 18.80
CA ASN A 223 0.54 -12.17 18.07
C ASN A 223 0.22 -12.70 16.67
N ASP A 224 -1.06 -12.96 16.39
CA ASP A 224 -1.47 -13.09 14.99
C ASP A 224 -2.65 -12.20 14.72
N GLU A 225 -2.38 -11.08 14.08
CA GLU A 225 -3.42 -10.13 13.76
C GLU A 225 -4.52 -10.78 12.88
N GLU A 226 -4.14 -11.69 11.99
CA GLU A 226 -5.10 -12.40 11.13
C GLU A 226 -6.14 -13.19 11.91
N GLU A 227 -5.91 -13.42 13.19
CA GLU A 227 -6.79 -14.30 13.93
C GLU A 227 -8.03 -13.61 14.36
N TRP A 228 -7.96 -12.28 14.33
CA TRP A 228 -9.16 -11.46 14.48
C TRP A 228 -10.13 -11.79 13.34
N GLY A 229 -9.60 -11.96 12.12
CA GLY A 229 -10.44 -12.26 10.98
C GLY A 229 -11.33 -13.48 11.13
N LYS A 230 -10.93 -14.41 11.99
CA LYS A 230 -11.68 -15.68 12.11
C LYS A 230 -12.70 -15.67 13.23
N LEU A 231 -12.70 -14.62 14.04
CA LEU A 231 -13.47 -14.62 15.29
C LEU A 231 -14.89 -14.11 15.10
N GLU A 232 -15.83 -14.71 15.82
CA GLU A 232 -17.21 -14.29 15.77
C GLU A 232 -17.29 -12.87 16.31
N ARG A 233 -18.32 -12.12 15.88
CA ARG A 233 -18.34 -10.70 16.17
C ARG A 233 -18.53 -10.39 17.65
N ARG A 234 -19.41 -11.15 18.30
CA ARG A 234 -19.65 -11.03 19.74
C ARG A 234 -18.37 -11.35 20.45
N THR A 235 -17.63 -12.30 19.91
CA THR A 235 -16.31 -12.60 20.42
C THR A 235 -15.37 -11.42 20.26
N LYS A 236 -15.20 -10.92 19.04
CA LYS A 236 -14.28 -9.76 18.80
C LYS A 236 -14.37 -8.70 19.88
N ASN A 237 -15.60 -8.40 20.28
CA ASN A 237 -15.85 -7.38 21.27
C ASN A 237 -15.31 -7.77 22.65
N LYS A 238 -15.56 -9.02 23.03
CA LYS A 238 -15.04 -9.57 24.28
C LYS A 238 -13.52 -9.32 24.40
N TYR A 239 -12.79 -9.60 23.34
CA TYR A 239 -11.33 -9.50 23.39
C TYR A 239 -10.85 -8.07 23.22
N LYS A 240 -11.64 -7.26 22.52
CA LYS A 240 -11.36 -5.83 22.47
C LYS A 240 -11.44 -5.28 23.89
N LYS A 241 -12.57 -5.54 24.54
CA LYS A 241 -12.75 -5.18 25.95
C LYS A 241 -11.51 -5.61 26.73
N LEU A 242 -11.16 -6.89 26.62
CA LEU A 242 -10.15 -7.47 27.51
C LEU A 242 -8.82 -6.76 27.30
N ILE A 243 -8.46 -6.51 26.04
CA ILE A 243 -7.16 -5.90 25.73
C ILE A 243 -7.03 -4.55 26.44
N LYS A 244 -8.06 -3.72 26.31
CA LYS A 244 -8.06 -2.39 26.88
C LYS A 244 -7.99 -2.51 28.39
N GLU A 245 -8.74 -3.51 28.90
CA GLU A 245 -8.88 -3.74 30.34
C GLU A 245 -7.55 -4.13 30.99
N ILE A 246 -6.53 -4.42 30.18
CA ILE A 246 -5.37 -5.16 30.69
C ILE A 246 -4.06 -4.36 30.96
N SER A 247 -3.94 -3.19 30.32
CA SER A 247 -2.65 -2.47 30.26
C SER A 247 -2.67 -1.19 31.11
N LEU A 248 -1.54 -0.97 31.78
CA LEU A 248 -1.35 0.17 32.71
C LEU A 248 -1.27 1.55 32.06
N ILE A 249 -0.27 1.73 31.20
CA ILE A 249 -0.03 3.01 30.56
C ILE A 249 -0.71 2.92 29.18
N ASP A 250 -1.65 3.84 28.95
CA ASP A 250 -2.33 4.01 27.67
C ASP A 250 -2.07 5.44 27.16
N LEU A 251 -1.26 5.52 26.12
CA LEU A 251 -0.77 6.80 25.64
C LEU A 251 -1.93 7.65 25.11
N THR A 252 -3.03 7.04 24.67
CA THR A 252 -4.27 7.80 24.45
C THR A 252 -4.37 8.95 25.45
N ASP A 253 -4.26 8.65 26.74
CA ASP A 253 -4.46 9.67 27.78
C ASP A 253 -3.55 10.89 27.65
N LEU A 254 -2.32 10.64 27.23
CA LEU A 254 -1.35 11.73 27.06
C LEU A 254 -1.68 12.55 25.83
N MET A 255 -2.13 11.88 24.78
CA MET A 255 -2.56 12.53 23.57
C MET A 255 -3.73 13.46 23.90
N LYS A 256 -4.77 12.92 24.52
CA LYS A 256 -5.96 13.71 24.86
C LYS A 256 -5.55 14.93 25.68
N SER A 257 -4.52 14.74 26.51
CA SER A 257 -4.05 15.80 27.38
C SER A 257 -3.35 16.89 26.57
N THR A 258 -2.31 16.51 25.82
CA THR A 258 -1.62 17.45 24.93
C THR A 258 -2.59 18.15 24.02
N LEU A 259 -3.59 17.43 23.55
CA LEU A 259 -4.57 18.03 22.66
C LEU A 259 -5.24 19.17 23.42
N LYS A 260 -5.74 18.87 24.62
CA LYS A 260 -6.47 19.88 25.41
C LYS A 260 -5.57 21.07 25.68
N ALA A 261 -4.33 20.79 26.08
CA ALA A 261 -3.37 21.84 26.37
C ALA A 261 -3.14 22.84 25.23
N ASN A 262 -3.25 22.36 23.98
CA ASN A 262 -2.93 23.15 22.80
C ASN A 262 -4.16 23.48 21.96
N GLU A 263 -5.33 23.06 22.41
CA GLU A 263 -6.57 23.29 21.69
C GLU A 263 -6.71 24.75 21.22
N LYS A 264 -6.43 25.69 22.11
CA LYS A 264 -6.65 27.10 21.81
C LYS A 264 -5.70 27.65 20.75
N GLN A 265 -4.42 27.33 20.85
CA GLN A 265 -3.48 27.74 19.81
C GLN A 265 -3.87 27.15 18.46
N LEU A 266 -4.10 25.85 18.47
CA LEU A 266 -4.45 25.14 17.26
C LEU A 266 -5.70 25.76 16.71
N GLN A 267 -6.66 25.97 17.58
CA GLN A 267 -7.90 26.60 17.14
C GLN A 267 -7.65 27.93 16.44
N LYS A 268 -6.73 28.73 16.97
CA LYS A 268 -6.42 30.05 16.39
C LYS A 268 -5.82 29.86 15.04
N GLN A 269 -4.85 28.96 15.03
CA GLN A 269 -4.13 28.57 13.82
C GLN A 269 -5.09 28.21 12.68
N ILE A 270 -6.24 27.62 13.03
CA ILE A 270 -7.27 27.33 12.03
C ILE A 270 -8.02 28.59 11.63
N ASP A 271 -8.56 29.31 12.62
CA ASP A 271 -9.26 30.59 12.44
C ASP A 271 -8.55 31.54 11.50
N PHE A 272 -7.23 31.54 11.60
CA PHE A 272 -6.40 32.34 10.70
C PHE A 272 -6.77 32.21 9.24
N TRP A 273 -7.03 30.99 8.82
CA TRP A 273 -7.21 30.71 7.39
C TRP A 273 -8.61 31.09 6.91
N GLN A 274 -9.55 31.10 7.86
CA GLN A 274 -10.96 31.20 7.52
C GLN A 274 -11.49 32.61 7.46
N ARG A 275 -10.75 33.56 7.98
CA ARG A 275 -11.17 34.95 7.92
C ARG A 275 -11.13 35.54 6.52
N PRO B 6 -6.47 -29.80 -5.81
CA PRO B 6 -6.31 -29.70 -7.25
C PRO B 6 -4.96 -29.07 -7.68
N GLN B 7 -4.56 -29.30 -8.92
CA GLN B 7 -3.37 -28.62 -9.49
C GLN B 7 -3.69 -27.16 -9.84
N PRO B 8 -2.84 -26.23 -9.41
CA PRO B 8 -3.08 -24.82 -9.71
C PRO B 8 -2.73 -24.52 -11.17
N GLU B 9 -3.50 -23.63 -11.80
CA GLU B 9 -3.21 -23.17 -13.14
C GLU B 9 -1.98 -22.28 -13.07
N LEU B 10 -1.04 -22.45 -13.98
CA LEU B 10 0.19 -21.65 -14.04
C LEU B 10 0.33 -20.85 -15.33
N SER B 11 0.69 -19.59 -15.18
CA SER B 11 1.01 -18.80 -16.36
C SER B 11 1.91 -17.65 -16.05
N PHE B 12 2.52 -17.11 -17.10
CA PHE B 12 3.19 -15.84 -17.03
C PHE B 12 2.07 -14.82 -17.06
N ASP B 13 2.27 -13.76 -16.31
CA ASP B 13 1.25 -12.81 -15.92
C ASP B 13 1.67 -11.37 -16.22
N ALA B 14 2.92 -11.21 -16.61
CA ALA B 14 3.42 -9.93 -17.04
C ALA B 14 4.76 -10.16 -17.70
N MET B 15 5.02 -9.37 -18.72
CA MET B 15 6.29 -9.47 -19.39
C MET B 15 6.72 -8.09 -19.70
N THR B 16 7.95 -7.77 -19.36
CA THR B 16 8.55 -6.53 -19.81
C THR B 16 9.66 -6.93 -20.74
N ILE B 17 9.83 -6.18 -21.81
CA ILE B 17 10.89 -6.44 -22.74
C ILE B 17 11.64 -5.16 -23.00
N VAL B 18 12.95 -5.23 -22.86
CA VAL B 18 13.76 -4.04 -22.99
C VAL B 18 14.69 -4.21 -24.20
N GLY B 19 14.92 -3.09 -24.86
CA GLY B 19 15.80 -3.12 -26.02
C GLY B 19 16.40 -1.77 -26.34
N ASN B 20 17.03 -1.74 -27.51
CA ASN B 20 17.63 -0.53 -28.05
C ASN B 20 17.24 -0.36 -29.51
N LEU B 21 17.11 0.91 -29.87
CA LEU B 21 16.45 1.31 -31.08
C LEU B 21 17.32 2.30 -31.84
N ASN B 22 17.50 2.07 -33.13
CA ASN B 22 18.28 2.98 -34.00
C ASN B 22 17.70 4.39 -34.03
N LYS B 23 18.56 5.33 -34.35
CA LYS B 23 18.14 6.66 -34.74
C LYS B 23 17.12 6.51 -35.88
N THR B 24 17.48 5.76 -36.92
CA THR B 24 16.60 5.51 -38.06
C THR B 24 15.26 4.98 -37.61
N ASN B 25 15.32 3.91 -36.83
CA ASN B 25 14.15 3.15 -36.40
C ASN B 25 13.29 3.91 -35.42
N ALA B 26 13.92 4.68 -34.53
CA ALA B 26 13.19 5.56 -33.62
C ALA B 26 12.18 6.37 -34.42
N LYS B 27 12.69 7.13 -35.39
CA LYS B 27 11.78 7.93 -36.23
C LYS B 27 10.80 7.06 -36.96
N LYS B 28 11.32 6.08 -37.69
CA LYS B 28 10.51 5.14 -38.47
C LYS B 28 9.31 4.68 -37.65
N LEU B 29 9.60 4.13 -36.47
CA LEU B 29 8.58 3.66 -35.56
C LEU B 29 7.71 4.80 -35.06
N SER B 30 8.34 5.92 -34.70
CA SER B 30 7.60 7.12 -34.28
C SER B 30 6.71 7.61 -35.40
N ASP B 31 7.20 7.48 -36.62
CA ASP B 31 6.42 7.86 -37.79
C ASP B 31 5.26 6.88 -37.99
N PHE B 32 5.58 5.59 -38.04
CA PHE B 32 4.56 4.55 -38.18
C PHE B 32 3.39 4.79 -37.23
N MET B 33 3.70 4.93 -35.96
CA MET B 33 2.67 5.04 -34.96
C MET B 33 1.73 6.24 -35.11
N SER B 34 2.28 7.38 -35.50
CA SER B 34 1.45 8.55 -35.68
C SER B 34 0.34 8.28 -36.69
N THR B 35 0.67 7.56 -37.77
CA THR B 35 -0.33 7.24 -38.80
C THR B 35 -1.50 6.39 -38.31
N GLU B 36 -1.28 5.55 -37.27
CA GLU B 36 -2.37 4.73 -36.71
C GLU B 36 -3.10 5.44 -35.58
N PRO B 37 -4.31 5.99 -35.85
CA PRO B 37 -5.12 6.56 -34.76
C PRO B 37 -5.45 5.59 -33.61
N GLN B 38 -5.33 4.28 -33.84
CA GLN B 38 -5.64 3.23 -32.86
C GLN B 38 -4.52 2.99 -31.86
N ILE B 39 -3.47 3.80 -31.93
CA ILE B 39 -2.41 3.86 -30.93
C ILE B 39 -2.30 5.29 -30.44
N ARG B 40 -2.03 5.41 -29.15
CA ARG B 40 -2.09 6.71 -28.44
C ARG B 40 -0.67 7.21 -28.11
N LEU B 41 -0.27 8.35 -28.69
CA LEU B 41 1.11 8.92 -28.60
C LEU B 41 1.19 10.12 -27.68
N TRP B 42 2.15 10.16 -26.75
CA TRP B 42 2.37 11.42 -26.02
C TRP B 42 3.81 11.61 -25.55
N ASP B 43 4.05 12.73 -24.86
CA ASP B 43 5.39 13.05 -24.33
C ASP B 43 6.45 12.94 -25.39
N ILE B 44 6.20 13.53 -26.56
CA ILE B 44 7.10 13.39 -27.72
C ILE B 44 8.23 14.43 -27.70
N LEU B 45 9.43 13.96 -28.02
CA LEU B 45 10.58 14.77 -28.41
C LEU B 45 11.27 13.88 -29.44
N GLN B 46 12.49 14.25 -29.81
CA GLN B 46 13.26 13.40 -30.72
C GLN B 46 13.94 12.27 -29.96
N THR B 47 14.17 12.48 -28.66
CA THR B 47 14.80 11.51 -27.80
C THR B 47 13.80 10.73 -26.93
N LYS B 48 12.51 11.09 -27.04
CA LYS B 48 11.48 10.60 -26.12
C LYS B 48 10.17 10.31 -26.85
N PHE B 49 9.45 9.32 -26.35
CA PHE B 49 8.11 9.04 -26.81
C PHE B 49 7.42 7.97 -25.92
N LYS B 50 6.09 8.05 -25.81
CA LYS B 50 5.33 7.12 -25.00
C LYS B 50 4.11 6.68 -25.76
N ALA B 51 3.66 5.46 -25.52
CA ALA B 51 2.58 4.92 -26.30
C ALA B 51 1.87 3.76 -25.63
N LYS B 52 0.56 3.73 -25.86
CA LYS B 52 -0.21 2.56 -25.48
C LYS B 52 -0.93 2.08 -26.73
N ALA B 53 -0.91 0.75 -26.92
CA ALA B 53 -1.47 0.14 -28.09
C ALA B 53 -2.29 -1.07 -27.70
N LEU B 54 -3.05 -1.54 -28.69
CA LEU B 54 -3.98 -2.66 -28.52
C LEU B 54 -4.93 -2.37 -27.39
N GLN B 55 -5.81 -1.42 -27.63
CA GLN B 55 -6.78 -1.03 -26.66
C GLN B 55 -6.15 -0.89 -25.29
N GLU B 56 -5.03 -0.16 -25.25
CA GLU B 56 -4.37 0.19 -23.97
C GLU B 56 -3.79 -1.00 -23.21
N LYS B 57 -3.55 -2.09 -23.90
CA LYS B 57 -3.05 -3.29 -23.21
C LYS B 57 -1.52 -3.35 -23.21
N VAL B 58 -0.88 -2.55 -24.08
CA VAL B 58 0.57 -2.54 -24.21
C VAL B 58 1.10 -1.13 -23.97
N TYR B 59 2.03 -1.02 -23.03
CA TYR B 59 2.76 0.22 -22.82
C TYR B 59 4.08 0.15 -23.54
N ILE B 60 4.46 1.28 -24.15
CA ILE B 60 5.66 1.38 -24.95
C ILE B 60 6.32 2.72 -24.65
N GLU B 61 7.58 2.68 -24.24
CA GLU B 61 8.26 3.89 -23.87
C GLU B 61 9.67 3.91 -24.39
N TYR B 62 10.04 5.02 -25.03
CA TYR B 62 11.38 5.22 -25.58
C TYR B 62 11.96 6.46 -24.96
N ASP B 63 13.22 6.33 -24.53
CA ASP B 63 13.92 7.48 -24.02
C ASP B 63 15.41 7.23 -24.09
N LYS B 64 16.12 8.02 -24.90
CA LYS B 64 17.57 7.88 -25.07
C LYS B 64 18.33 8.57 -23.95
N VAL B 65 17.91 9.80 -23.62
CA VAL B 65 18.50 10.61 -22.55
C VAL B 65 18.38 9.94 -21.16
N LYS B 66 17.27 9.23 -20.94
CA LYS B 66 17.01 8.52 -19.70
C LYS B 66 17.46 7.05 -19.73
N ALA B 67 17.70 6.48 -20.91
CA ALA B 67 18.31 5.14 -21.08
C ALA B 67 19.74 5.13 -20.58
N ASP B 68 20.49 6.14 -21.00
CA ASP B 68 21.91 6.15 -20.80
C ASP B 68 22.16 6.68 -19.38
N SER B 69 21.40 7.70 -18.98
CA SER B 69 21.49 8.27 -17.61
C SER B 69 21.39 7.23 -16.48
N TRP B 70 20.77 6.08 -16.74
CA TRP B 70 20.75 4.93 -15.82
C TRP B 70 21.62 3.73 -16.29
N ASP B 71 22.32 3.90 -17.42
CA ASP B 71 23.07 2.81 -18.05
C ASP B 71 22.17 1.58 -18.30
N ARG B 72 21.22 1.73 -19.21
CA ARG B 72 20.31 0.66 -19.55
C ARG B 72 20.09 0.67 -21.04
N ARG B 73 19.14 -0.15 -21.46
CA ARG B 73 18.59 -0.11 -22.80
C ARG B 73 17.48 0.93 -22.86
N ASN B 74 17.14 1.40 -24.05
CA ASN B 74 16.38 2.65 -24.21
C ASN B 74 14.90 2.54 -24.55
N MET B 75 14.42 1.33 -24.70
CA MET B 75 13.01 1.14 -24.92
C MET B 75 12.42 -0.05 -24.16
N ARG B 76 11.30 0.20 -23.49
CA ARG B 76 10.52 -0.84 -22.80
C ARG B 76 9.24 -1.13 -23.54
N VAL B 77 8.82 -2.38 -23.47
CA VAL B 77 7.49 -2.72 -23.87
C VAL B 77 6.88 -3.57 -22.76
N GLU B 78 5.73 -3.16 -22.26
CA GLU B 78 5.09 -3.86 -21.13
C GLU B 78 3.71 -4.39 -21.49
N PHE B 79 3.39 -5.58 -20.98
CA PHE B 79 2.06 -6.13 -21.25
C PHE B 79 1.85 -7.43 -20.57
N ASN B 80 0.59 -7.81 -20.46
CA ASN B 80 0.27 -9.07 -19.88
C ASN B 80 -0.08 -10.02 -21.03
N PRO B 81 0.70 -11.11 -21.21
CA PRO B 81 0.43 -12.00 -22.33
C PRO B 81 -0.91 -12.75 -22.22
N ASN B 82 -1.32 -13.11 -21.02
CA ASN B 82 -2.66 -13.69 -20.86
C ASN B 82 -3.81 -12.88 -21.44
N LYS B 83 -3.61 -11.58 -21.68
CA LYS B 83 -4.71 -10.75 -22.16
C LYS B 83 -4.53 -10.35 -23.60
N LEU B 84 -3.57 -10.99 -24.27
CA LEU B 84 -3.38 -10.76 -25.70
C LEU B 84 -3.72 -11.96 -26.57
N THR B 85 -4.20 -11.61 -27.76
CA THR B 85 -4.67 -12.51 -28.81
C THR B 85 -3.47 -12.99 -29.59
N HIS B 86 -3.43 -14.25 -30.03
CA HIS B 86 -2.29 -14.69 -30.87
C HIS B 86 -2.07 -13.68 -32.01
N GLU B 87 -3.15 -13.31 -32.67
CA GLU B 87 -3.15 -12.29 -33.69
C GLU B 87 -2.36 -11.08 -33.19
N GLU B 88 -2.82 -10.53 -32.07
CA GLU B 88 -2.19 -9.39 -31.42
C GLU B 88 -0.70 -9.62 -31.10
N MET B 89 -0.39 -10.76 -30.52
CA MET B 89 1.01 -11.07 -30.20
C MET B 89 1.85 -11.00 -31.47
N LEU B 90 1.31 -11.51 -32.57
CA LEU B 90 2.07 -11.49 -33.79
C LEU B 90 2.20 -10.06 -34.30
N TRP B 91 1.14 -9.27 -34.16
CA TRP B 91 1.22 -7.88 -34.56
C TRP B 91 2.34 -7.15 -33.81
N LEU B 92 2.39 -7.33 -32.51
CA LEU B 92 3.33 -6.66 -31.64
C LEU B 92 4.77 -7.06 -31.93
N LYS B 93 5.01 -8.32 -32.27
CA LYS B 93 6.38 -8.77 -32.54
C LYS B 93 6.91 -8.13 -33.81
N GLN B 94 6.10 -8.25 -34.85
CA GLN B 94 6.46 -7.77 -36.16
C GLN B 94 6.60 -6.24 -36.25
N ASN B 95 5.68 -5.50 -35.65
CA ASN B 95 5.65 -4.05 -35.75
C ASN B 95 6.41 -3.29 -34.66
N ILE B 96 6.95 -3.99 -33.67
CA ILE B 96 7.66 -3.36 -32.57
C ILE B 96 8.90 -4.13 -32.17
N ILE B 97 8.72 -5.34 -31.65
CA ILE B 97 9.83 -6.09 -31.05
C ILE B 97 10.97 -6.35 -32.02
N ASP B 98 10.64 -6.88 -33.20
CA ASP B 98 11.71 -7.15 -34.19
C ASP B 98 12.67 -5.96 -34.41
N TYR B 99 12.14 -4.74 -34.45
CA TYR B 99 12.96 -3.54 -34.66
C TYR B 99 13.79 -3.14 -33.45
N MET B 100 13.69 -3.89 -32.35
CA MET B 100 14.59 -3.68 -31.21
C MET B 100 15.82 -4.57 -31.35
N GLU B 101 16.96 -4.09 -30.87
CA GLU B 101 18.15 -4.91 -30.77
C GLU B 101 18.60 -4.89 -29.31
N ASP B 102 19.51 -5.79 -28.97
CA ASP B 102 19.91 -6.04 -27.58
C ASP B 102 18.73 -6.49 -26.72
N ASP B 103 17.73 -7.04 -27.37
CA ASP B 103 16.42 -7.25 -26.75
C ASP B 103 16.41 -8.46 -25.84
N GLY B 104 15.87 -8.27 -24.64
CA GLY B 104 15.73 -9.35 -23.64
C GLY B 104 14.67 -8.99 -22.61
N PHE B 105 14.44 -9.91 -21.69
CA PHE B 105 13.40 -9.72 -20.68
C PHE B 105 13.92 -9.03 -19.46
N THR B 106 13.21 -7.98 -19.02
CA THR B 106 13.49 -7.27 -17.76
C THR B 106 12.57 -7.74 -16.65
N ARG B 107 11.39 -8.22 -17.02
CA ARG B 107 10.44 -8.64 -16.02
C ARG B 107 9.67 -9.86 -16.46
N LEU B 108 9.29 -10.67 -15.49
CA LEU B 108 8.59 -11.89 -15.81
C LEU B 108 7.84 -12.37 -14.59
N ASP B 109 6.52 -12.53 -14.67
CA ASP B 109 5.78 -12.88 -13.47
C ASP B 109 5.13 -14.26 -13.57
N LEU B 110 5.32 -15.06 -12.56
CA LEU B 110 4.73 -16.38 -12.51
C LEU B 110 3.46 -16.37 -11.71
N ALA B 111 2.35 -16.79 -12.30
CA ALA B 111 1.05 -16.75 -11.66
C ALA B 111 0.49 -18.13 -11.42
N PHE B 112 0.46 -18.55 -10.16
CA PHE B 112 -0.15 -19.82 -9.76
C PHE B 112 -1.53 -19.53 -9.16
N ASP B 113 -2.61 -19.85 -9.89
CA ASP B 113 -3.98 -19.74 -9.38
C ASP B 113 -4.43 -21.01 -8.70
N PHE B 114 -5.06 -20.87 -7.55
CA PHE B 114 -5.59 -22.00 -6.78
C PHE B 114 -7.07 -21.79 -6.52
N GLU B 115 -7.85 -22.87 -6.59
CA GLU B 115 -9.27 -22.82 -6.28
C GLU B 115 -9.58 -23.13 -4.83
N ASP B 116 -8.54 -23.22 -4.02
CA ASP B 116 -8.66 -23.33 -2.57
C ASP B 116 -8.74 -21.91 -1.96
N ASP B 117 -8.99 -21.86 -0.66
CA ASP B 117 -8.80 -20.63 0.15
C ASP B 117 -7.44 -20.70 0.83
N LEU B 118 -6.61 -19.68 0.57
CA LEU B 118 -5.21 -19.62 1.12
C LEU B 118 -5.06 -18.65 2.29
N SER B 119 -6.17 -18.08 2.74
CA SER B 119 -6.13 -17.04 3.78
C SER B 119 -5.15 -17.36 4.88
N ASP B 120 -5.21 -18.60 5.33
CA ASP B 120 -4.39 -19.04 6.50
C ASP B 120 -2.99 -19.48 6.15
N TYR B 121 -2.72 -19.63 4.87
CA TYR B 121 -1.38 -19.93 4.43
C TYR B 121 -0.54 -18.64 4.37
N TYR B 122 0.77 -18.82 4.48
CA TYR B 122 1.74 -17.75 4.41
C TYR B 122 3.12 -18.27 3.91
N ALA B 123 3.88 -17.38 3.33
CA ALA B 123 5.09 -17.77 2.67
C ALA B 123 6.25 -17.45 3.58
N MET B 124 7.29 -18.27 3.51
CA MET B 124 8.55 -17.89 4.05
C MET B 124 9.71 -18.39 3.22
N THR B 125 10.61 -17.45 3.00
CA THR B 125 11.91 -17.71 2.46
C THR B 125 12.69 -18.15 3.67
N ASP B 126 13.93 -18.55 3.47
CA ASP B 126 14.86 -18.80 4.57
C ASP B 126 15.46 -17.50 5.10
N LYS B 127 15.38 -16.43 4.31
CA LYS B 127 15.68 -15.11 4.83
C LYS B 127 14.47 -14.59 5.63
N ALA B 128 14.72 -13.63 6.51
CA ALA B 128 13.66 -12.88 7.18
C ALA B 128 13.58 -11.51 6.50
N VAL B 129 13.10 -11.54 5.27
CA VAL B 129 12.72 -10.37 4.46
C VAL B 129 11.50 -9.59 4.99
N LYS B 130 11.26 -8.41 4.42
CA LYS B 130 10.15 -7.51 4.79
C LYS B 130 8.80 -7.94 4.27
N LYS B 131 7.76 -7.51 4.93
CA LYS B 131 6.44 -8.07 4.67
C LYS B 131 5.37 -6.98 4.68
N THR B 132 4.27 -7.28 4.05
CA THR B 132 3.12 -6.35 4.06
C THR B 132 1.83 -7.15 4.04
N ILE B 133 0.90 -6.82 4.92
CA ILE B 133 -0.36 -7.54 4.94
C ILE B 133 -1.52 -6.59 4.97
N PHE B 134 -2.45 -6.77 4.05
CA PHE B 134 -3.59 -5.90 3.93
C PHE B 134 -4.73 -6.69 4.45
N TYR B 135 -5.40 -6.18 5.47
CA TYR B 135 -6.52 -6.89 6.07
C TYR B 135 -7.83 -6.25 5.62
N GLY B 136 -8.85 -7.09 5.48
CA GLY B 136 -10.25 -6.66 5.23
C GLY B 136 -10.93 -6.17 6.50
N ARG B 137 -12.14 -5.63 6.37
CA ARG B 137 -12.83 -5.03 7.50
C ARG B 137 -13.07 -6.08 8.58
N ASN B 138 -13.30 -7.29 8.09
CA ASN B 138 -13.46 -8.49 8.91
C ASN B 138 -12.27 -8.85 9.79
N GLY B 139 -11.10 -8.23 9.59
CA GLY B 139 -9.88 -8.62 10.30
C GLY B 139 -9.08 -9.71 9.59
N LYS B 140 -9.65 -10.30 8.53
CA LYS B 140 -8.98 -11.34 7.76
C LYS B 140 -8.01 -10.76 6.74
N PRO B 141 -7.03 -11.57 6.27
CA PRO B 141 -6.10 -11.01 5.31
C PRO B 141 -6.63 -11.14 3.90
N GLU B 142 -6.43 -10.11 3.08
CA GLU B 142 -6.82 -10.19 1.68
C GLU B 142 -5.61 -10.25 0.77
N THR B 143 -4.55 -9.55 1.12
CA THR B 143 -3.37 -9.45 0.29
C THR B 143 -2.08 -9.52 1.10
N LYS B 144 -1.12 -10.35 0.67
CA LYS B 144 0.12 -10.43 1.38
C LYS B 144 1.27 -10.17 0.41
N TYR B 145 2.26 -9.39 0.86
CA TYR B 145 3.47 -9.12 0.06
C TYR B 145 4.67 -9.60 0.83
N PHE B 146 5.58 -10.29 0.14
CA PHE B 146 6.86 -10.69 0.71
C PHE B 146 8.02 -10.09 -0.13
N GLY B 147 8.82 -9.27 0.51
CA GLY B 147 9.95 -8.60 -0.12
C GLY B 147 9.58 -7.19 -0.52
N VAL B 148 10.38 -6.57 -1.38
CA VAL B 148 10.07 -5.21 -1.89
C VAL B 148 9.99 -5.22 -3.43
N ARG B 149 9.05 -4.44 -3.97
CA ARG B 149 8.77 -4.47 -5.41
C ARG B 149 9.99 -4.15 -6.28
N ASP B 150 10.81 -3.19 -5.88
CA ASP B 150 12.06 -2.91 -6.63
C ASP B 150 13.17 -3.87 -6.19
N SER B 151 13.08 -5.12 -6.65
CA SER B 151 14.10 -6.11 -6.38
C SER B 151 14.04 -7.28 -7.36
N ASP B 152 15.12 -8.04 -7.40
CA ASP B 152 15.21 -9.28 -8.18
C ASP B 152 14.00 -10.21 -8.02
N ARG B 153 13.47 -10.26 -6.78
CA ARG B 153 12.33 -11.10 -6.43
C ARG B 153 11.35 -10.49 -5.40
N PHE B 154 10.09 -10.67 -5.72
CA PHE B 154 8.99 -10.14 -4.93
C PHE B 154 7.85 -11.14 -5.06
N ILE B 155 7.07 -11.33 -4.01
CA ILE B 155 5.96 -12.28 -4.04
C ILE B 155 4.68 -11.71 -3.47
N ARG B 156 3.59 -11.88 -4.21
CA ARG B 156 2.28 -11.51 -3.73
C ARG B 156 1.52 -12.79 -3.50
N ILE B 157 0.75 -12.87 -2.44
CA ILE B 157 -0.27 -13.89 -2.32
C ILE B 157 -1.54 -13.14 -1.98
N TYR B 158 -2.57 -13.31 -2.80
CA TYR B 158 -3.78 -12.53 -2.60
C TYR B 158 -5.03 -13.19 -3.15
N ASN B 159 -6.18 -12.69 -2.68
CA ASN B 159 -7.46 -13.18 -3.05
C ASN B 159 -7.82 -12.65 -4.43
N LYS B 160 -7.61 -13.49 -5.43
CA LYS B 160 -7.87 -13.15 -6.83
C LYS B 160 -9.35 -12.92 -7.07
N LYS B 161 -10.18 -13.72 -6.41
CA LYS B 161 -11.63 -13.59 -6.54
C LYS B 161 -12.06 -12.19 -6.13
N GLN B 162 -11.62 -11.80 -4.95
CA GLN B 162 -11.92 -10.49 -4.39
C GLN B 162 -11.35 -9.39 -5.27
N GLU B 163 -10.12 -9.58 -5.74
CA GLU B 163 -9.45 -8.62 -6.62
C GLU B 163 -10.12 -8.52 -7.99
N ARG B 164 -10.57 -9.67 -8.51
CA ARG B 164 -11.31 -9.66 -9.79
C ARG B 164 -12.69 -8.99 -9.62
N LYS B 165 -13.35 -9.29 -8.51
CA LYS B 165 -14.65 -8.68 -8.20
C LYS B 165 -14.49 -7.16 -8.11
N ASP B 166 -13.53 -6.73 -7.30
CA ASP B 166 -13.17 -5.32 -7.15
C ASP B 166 -12.84 -4.64 -8.50
N ASN B 167 -12.19 -5.38 -9.40
CA ASN B 167 -11.85 -4.85 -10.73
C ASN B 167 -13.01 -4.91 -11.74
N ALA B 168 -14.22 -5.23 -11.26
CA ALA B 168 -15.41 -5.43 -12.10
C ALA B 168 -15.17 -6.43 -13.23
N ASP B 169 -14.44 -7.49 -12.95
CA ASP B 169 -14.23 -8.58 -13.92
C ASP B 169 -15.40 -9.54 -13.80
N VAL B 170 -15.61 -10.34 -14.85
CA VAL B 170 -16.65 -11.38 -14.86
C VAL B 170 -16.46 -12.29 -13.65
N GLU B 171 -17.55 -12.59 -12.94
CA GLU B 171 -17.42 -13.37 -11.70
C GLU B 171 -17.10 -14.82 -12.03
N VAL B 172 -16.65 -15.55 -11.01
CA VAL B 172 -15.98 -16.84 -11.22
C VAL B 172 -16.80 -17.98 -10.64
N MET B 173 -16.79 -19.13 -11.30
CA MET B 173 -17.60 -20.29 -10.89
C MET B 173 -17.12 -20.88 -9.55
N SER B 174 -15.81 -20.82 -9.28
CA SER B 174 -15.23 -21.28 -8.01
C SER B 174 -15.61 -20.41 -6.81
N GLU B 175 -15.74 -21.04 -5.65
CA GLU B 175 -16.11 -20.32 -4.42
C GLU B 175 -14.89 -19.63 -3.79
N HIS B 176 -13.69 -20.07 -4.17
CA HIS B 176 -12.45 -19.48 -3.72
C HIS B 176 -11.47 -19.40 -4.87
N LEU B 177 -10.72 -18.31 -4.92
CA LEU B 177 -9.65 -18.18 -5.91
C LEU B 177 -8.54 -17.27 -5.42
N TRP B 178 -7.35 -17.87 -5.25
CA TRP B 178 -6.19 -17.16 -4.71
C TRP B 178 -5.03 -17.34 -5.64
N ARG B 179 -4.27 -16.26 -5.83
CA ARG B 179 -3.11 -16.27 -6.68
C ARG B 179 -1.83 -16.16 -5.89
N VAL B 180 -0.76 -16.68 -6.46
CA VAL B 180 0.56 -16.54 -5.90
C VAL B 180 1.45 -16.06 -7.00
N GLU B 181 1.80 -14.81 -6.98
CA GLU B 181 2.49 -14.18 -8.09
C GLU B 181 3.93 -14.10 -7.68
N ILE B 182 4.81 -14.40 -8.59
CA ILE B 182 6.25 -14.33 -8.32
C ILE B 182 6.90 -13.39 -9.32
N GLU B 183 7.20 -12.15 -8.90
CA GLU B 183 7.77 -11.17 -9.84
C GLU B 183 9.28 -11.28 -9.89
N LEU B 184 9.78 -11.71 -11.05
CA LEU B 184 11.23 -11.83 -11.28
C LEU B 184 11.73 -10.70 -12.16
N LYS B 185 12.72 -9.96 -11.69
CA LYS B 185 13.27 -8.84 -12.45
C LYS B 185 14.74 -9.04 -12.78
N ARG B 186 15.22 -8.24 -13.71
CA ARG B 186 16.63 -8.20 -14.14
C ARG B 186 17.15 -9.59 -14.45
N ASP B 187 18.15 -10.08 -13.70
CA ASP B 187 18.81 -11.33 -14.06
C ASP B 187 18.04 -12.52 -13.59
N MET B 188 17.27 -12.36 -12.54
CA MET B 188 16.50 -13.46 -12.02
C MET B 188 15.54 -14.08 -13.04
N VAL B 189 15.20 -13.35 -14.11
CA VAL B 189 14.18 -13.84 -15.04
C VAL B 189 14.61 -15.17 -15.62
N ASP B 190 15.91 -15.29 -15.89
CA ASP B 190 16.46 -16.53 -16.46
C ASP B 190 16.37 -17.74 -15.50
N TYR B 191 16.13 -17.52 -14.23
CA TYR B 191 16.01 -18.63 -13.31
C TYR B 191 14.58 -18.88 -12.84
N TRP B 192 13.62 -18.60 -13.70
CA TRP B 192 12.26 -18.81 -13.30
C TRP B 192 12.00 -20.23 -12.73
N ASN B 193 12.87 -21.20 -13.00
CA ASN B 193 12.55 -22.62 -12.84
C ASN B 193 12.85 -23.52 -11.58
N ASP B 194 13.74 -23.16 -10.63
CA ASP B 194 13.84 -23.93 -9.35
C ASP B 194 14.37 -23.08 -8.19
N CYS B 195 13.50 -22.24 -7.68
CA CYS B 195 13.86 -21.24 -6.69
C CYS B 195 13.58 -21.70 -5.25
N PHE B 196 12.98 -22.87 -5.08
CA PHE B 196 12.26 -23.13 -3.82
C PHE B 196 13.06 -23.91 -2.81
N ASN B 197 14.38 -23.87 -2.90
CA ASN B 197 15.18 -24.54 -1.91
C ASN B 197 15.08 -23.84 -0.54
N ASP B 198 15.09 -22.52 -0.58
CA ASP B 198 14.93 -21.73 0.66
C ASP B 198 13.48 -21.58 1.02
N LEU B 199 12.59 -21.68 0.02
CA LEU B 199 11.24 -21.16 0.11
C LEU B 199 10.12 -22.18 0.36
N HIS B 200 9.25 -21.84 1.31
CA HIS B 200 8.08 -22.67 1.56
C HIS B 200 6.82 -21.84 1.78
N ILE B 201 5.74 -22.34 1.19
CA ILE B 201 4.42 -21.72 1.33
C ILE B 201 3.67 -22.63 2.25
N LEU B 202 3.60 -22.12 3.46
CA LEU B 202 3.29 -22.92 4.60
C LEU B 202 2.02 -22.43 5.27
N GLN B 203 1.56 -23.34 6.12
CA GLN B 203 0.53 -23.12 7.08
C GLN B 203 1.14 -23.73 8.36
N PRO B 204 1.21 -22.94 9.43
CA PRO B 204 1.81 -23.47 10.62
C PRO B 204 0.88 -24.53 11.20
N ASP B 205 1.46 -25.28 12.13
CA ASP B 205 0.75 -26.34 12.82
C ASP B 205 -0.70 -25.95 13.14
N TRP B 206 -0.84 -24.99 14.07
CA TRP B 206 -2.15 -24.69 14.71
C TRP B 206 -3.15 -24.14 13.73
N LYS B 207 -2.69 -23.35 12.75
CA LYS B 207 -3.55 -22.84 11.72
C LYS B 207 -4.42 -23.90 11.05
N THR B 208 -4.02 -25.18 11.10
CA THR B 208 -4.70 -26.20 10.32
C THR B 208 -6.00 -26.69 11.00
N ILE B 209 -6.06 -26.48 12.30
CA ILE B 209 -7.21 -26.83 13.14
C ILE B 209 -8.51 -26.11 12.82
N GLU B 210 -9.65 -26.79 13.03
CA GLU B 210 -10.92 -26.19 12.73
C GLU B 210 -11.33 -25.19 13.83
N ARG B 211 -10.87 -25.43 15.04
CA ARG B 211 -11.59 -24.91 16.23
C ARG B 211 -10.82 -23.81 16.95
N THR B 212 -11.49 -22.64 17.05
CA THR B 212 -10.81 -21.39 17.39
C THR B 212 -10.14 -21.59 18.73
N SER B 213 -10.91 -22.08 19.70
CA SER B 213 -10.41 -22.19 21.07
C SER B 213 -9.23 -23.15 21.14
N ASP B 214 -9.37 -24.24 20.39
CA ASP B 214 -8.30 -25.21 20.29
C ASP B 214 -7.05 -24.53 19.76
N ARG B 215 -7.20 -23.92 18.60
CA ARG B 215 -6.03 -23.37 17.97
C ARG B 215 -5.40 -22.26 18.81
N ALA B 216 -6.21 -21.49 19.55
CA ALA B 216 -5.62 -20.51 20.44
C ALA B 216 -4.77 -21.24 21.47
N MET B 217 -5.40 -22.19 22.15
CA MET B 217 -4.80 -22.83 23.29
C MET B 217 -3.40 -23.41 22.95
N VAL B 218 -3.33 -24.15 21.87
CA VAL B 218 -2.06 -24.60 21.37
C VAL B 218 -1.01 -23.51 21.17
N PHE B 219 -1.34 -22.53 20.33
CA PHE B 219 -0.46 -21.40 20.04
C PHE B 219 0.19 -20.86 21.32
N MET B 220 -0.61 -20.76 22.36
CA MET B 220 -0.09 -20.31 23.63
C MET B 220 0.90 -21.32 24.21
N LEU B 221 0.51 -22.60 24.19
CA LEU B 221 1.39 -23.64 24.74
C LEU B 221 2.73 -23.68 23.99
N LEU B 222 2.66 -23.49 22.66
CA LEU B 222 3.85 -23.47 21.82
C LEU B 222 4.74 -22.24 22.06
N ASN B 223 4.23 -21.19 22.68
CA ASN B 223 4.98 -19.95 22.78
C ASN B 223 5.21 -19.48 24.22
N ASP B 224 4.46 -20.02 25.18
CA ASP B 224 4.84 -19.82 26.57
C ASP B 224 5.02 -21.12 27.31
N GLU B 225 6.26 -21.40 27.68
CA GLU B 225 6.58 -22.62 28.39
C GLU B 225 5.84 -22.71 29.71
N GLU B 226 5.76 -21.59 30.43
CA GLU B 226 5.13 -21.62 31.77
C GLU B 226 3.64 -22.04 31.74
N GLU B 227 3.03 -22.10 30.57
CA GLU B 227 1.59 -22.31 30.53
C GLU B 227 1.23 -23.75 30.71
N TRP B 228 2.21 -24.62 30.51
CA TRP B 228 2.11 -26.03 30.91
C TRP B 228 1.96 -26.13 32.42
N GLY B 229 2.75 -25.34 33.17
CA GLY B 229 2.71 -25.33 34.61
C GLY B 229 1.35 -25.05 35.25
N LYS B 230 0.48 -24.37 34.50
CA LYS B 230 -0.86 -23.98 35.01
C LYS B 230 -1.92 -25.06 34.78
N LEU B 231 -1.58 -26.04 33.97
CA LEU B 231 -2.58 -26.94 33.38
C LEU B 231 -2.53 -28.27 34.12
N GLU B 232 -3.66 -28.81 34.55
CA GLU B 232 -3.64 -30.18 35.07
C GLU B 232 -3.24 -31.12 33.93
N ARG B 233 -2.81 -32.31 34.32
CA ARG B 233 -2.25 -33.26 33.36
C ARG B 233 -3.28 -33.61 32.27
N ARG B 234 -4.55 -33.72 32.65
CA ARG B 234 -5.59 -34.22 31.77
C ARG B 234 -5.74 -33.26 30.63
N THR B 235 -5.55 -31.98 30.92
CA THR B 235 -5.52 -31.01 29.85
C THR B 235 -4.26 -31.15 29.00
N LYS B 236 -3.08 -31.10 29.62
CA LYS B 236 -1.80 -31.22 28.88
C LYS B 236 -1.84 -32.28 27.78
N ASN B 237 -2.43 -33.42 28.09
CA ASN B 237 -2.52 -34.51 27.16
C ASN B 237 -3.37 -34.17 25.97
N LYS B 238 -4.53 -33.57 26.21
CA LYS B 238 -5.40 -33.11 25.11
C LYS B 238 -4.63 -32.29 24.09
N TYR B 239 -3.82 -31.37 24.58
CA TYR B 239 -3.01 -30.53 23.70
C TYR B 239 -1.74 -31.24 23.27
N LYS B 240 -1.25 -32.17 24.09
CA LYS B 240 -0.16 -33.04 23.65
C LYS B 240 -0.63 -33.86 22.48
N LYS B 241 -1.78 -34.53 22.68
CA LYS B 241 -2.43 -35.25 21.57
C LYS B 241 -2.49 -34.38 20.32
N LEU B 242 -3.09 -33.19 20.48
CA LEU B 242 -3.42 -32.33 19.36
C LEU B 242 -2.17 -31.94 18.61
N ILE B 243 -1.12 -31.57 19.34
CA ILE B 243 0.15 -31.15 18.74
C ILE B 243 0.72 -32.21 17.81
N LYS B 244 0.80 -33.44 18.32
CA LYS B 244 1.34 -34.54 17.57
C LYS B 244 0.46 -34.80 16.36
N GLU B 245 -0.85 -34.65 16.57
CA GLU B 245 -1.86 -34.89 15.54
C GLU B 245 -1.73 -33.93 14.36
N ILE B 246 -0.93 -32.88 14.50
CA ILE B 246 -0.90 -31.78 13.54
C ILE B 246 0.40 -31.64 12.72
N SER B 247 0.21 -31.48 11.40
CA SER B 247 1.26 -31.16 10.44
C SER B 247 1.04 -29.83 9.69
N LEU B 248 2.17 -29.15 9.49
CA LEU B 248 2.30 -28.06 8.50
C LEU B 248 1.97 -28.59 7.08
N ILE B 249 1.26 -27.78 6.29
CA ILE B 249 0.98 -28.11 4.89
C ILE B 249 1.89 -27.19 4.06
N ASP B 250 2.64 -27.79 3.09
CA ASP B 250 3.59 -27.04 2.30
C ASP B 250 3.32 -27.13 0.78
N LEU B 251 2.68 -26.10 0.23
CA LEU B 251 2.21 -26.14 -1.14
C LEU B 251 3.36 -26.10 -2.17
N THR B 252 4.53 -25.65 -1.73
CA THR B 252 5.72 -25.67 -2.55
C THR B 252 5.74 -26.87 -3.51
N ASP B 253 5.60 -28.07 -2.95
CA ASP B 253 5.72 -29.27 -3.77
C ASP B 253 4.82 -29.32 -5.03
N LEU B 254 3.60 -28.83 -4.90
CA LEU B 254 2.65 -28.84 -6.03
C LEU B 254 3.09 -27.84 -7.07
N MET B 255 3.59 -26.71 -6.59
CA MET B 255 4.04 -25.62 -7.45
C MET B 255 5.22 -26.14 -8.28
N LYS B 256 6.25 -26.67 -7.58
CA LYS B 256 7.42 -27.24 -8.28
C LYS B 256 7.01 -28.25 -9.34
N SER B 257 5.97 -29.00 -9.01
CA SER B 257 5.48 -30.03 -9.90
C SER B 257 4.85 -29.41 -11.13
N THR B 258 3.82 -28.58 -10.95
CA THR B 258 3.17 -27.89 -12.06
C THR B 258 4.18 -27.14 -12.90
N LEU B 259 5.18 -26.57 -12.25
CA LEU B 259 6.19 -25.85 -12.98
C LEU B 259 6.88 -26.82 -13.93
N LYS B 260 7.35 -27.93 -13.38
CA LYS B 260 8.07 -28.91 -14.19
C LYS B 260 7.21 -29.39 -15.34
N ALA B 261 5.96 -29.70 -15.03
CA ALA B 261 5.00 -30.16 -16.03
C ALA B 261 4.83 -29.22 -17.22
N ASN B 262 4.97 -27.91 -16.98
CA ASN B 262 4.71 -26.91 -18.03
C ASN B 262 5.97 -26.17 -18.48
N GLU B 263 7.11 -26.57 -17.94
CA GLU B 263 8.38 -25.93 -18.28
C GLU B 263 8.56 -25.76 -19.80
N LYS B 264 8.27 -26.83 -20.54
CA LYS B 264 8.54 -26.85 -21.98
C LYS B 264 7.65 -25.89 -22.76
N GLN B 265 6.35 -25.90 -22.45
CA GLN B 265 5.42 -24.96 -23.09
C GLN B 265 5.81 -23.51 -22.78
N LEU B 266 6.01 -23.26 -21.50
CA LEU B 266 6.39 -21.94 -21.05
C LEU B 266 7.65 -21.54 -21.72
N GLN B 267 8.63 -22.44 -21.75
CA GLN B 267 9.88 -22.15 -22.44
C GLN B 267 9.65 -21.75 -23.90
N LYS B 268 8.73 -22.44 -24.60
CA LYS B 268 8.45 -22.14 -26.01
C LYS B 268 7.82 -20.77 -26.14
N GLN B 269 6.84 -20.57 -25.26
CA GLN B 269 6.13 -19.32 -25.13
C GLN B 269 7.09 -18.13 -24.98
N ILE B 270 8.23 -18.35 -24.32
CA ILE B 270 9.30 -17.32 -24.24
C ILE B 270 10.04 -17.17 -25.55
N ASP B 271 10.57 -18.30 -26.04
CA ASP B 271 11.30 -18.39 -27.31
C ASP B 271 10.60 -17.67 -28.46
N PHE B 272 9.27 -17.74 -28.45
CA PHE B 272 8.47 -17.04 -29.43
C PHE B 272 8.88 -15.56 -29.58
N TRP B 273 9.13 -14.90 -28.47
CA TRP B 273 9.35 -13.46 -28.47
C TRP B 273 10.75 -13.06 -28.90
N GLN B 274 11.68 -14.00 -28.72
CA GLN B 274 13.11 -13.72 -28.88
C GLN B 274 13.64 -13.93 -30.29
N ARG B 275 12.87 -14.61 -31.12
CA ARG B 275 13.27 -14.81 -32.50
C ARG B 275 13.11 -13.52 -33.31
#